data_1XXR
#
_entry.id   1XXR
#
_cell.length_a   110.908
_cell.length_b   110.908
_cell.length_c   160.021
_cell.angle_alpha   90.00
_cell.angle_beta   90.00
_cell.angle_gamma   120.00
#
_symmetry.space_group_name_H-M   'P 65'
#
loop_
_entity.id
_entity.type
_entity.pdbx_description
1 polymer 'mannose-binding lectin'
2 non-polymer 'ACETIC ACID'
3 non-polymer GLYCEROL
4 non-polymer alpha-D-mannopyranose
5 non-polymer 'SULFATE ION'
6 water water
#
_entity_poly.entity_id   1
_entity_poly.type   'polypeptide(L)'
_entity_poly.pdbx_seq_one_letter_code
;MAGTSTNTQTTGTSQTIEVGLWGGPGGNAWDDGSYTGIREINLSHGDAIGAFSVIYDLNGQPFTGPTHPGNEPSFKTVKI
TLDFPNEFLVSVSGYTGVLARLATGKDVIRSLTFKTNKKTYGPYGKEEGTPFSLPIENGLIVGFKGRSGFVVDAIGFHLS
L
;
_entity_poly.pdbx_strand_id   A,B,C,D
#
loop_
_chem_comp.id
_chem_comp.type
_chem_comp.name
_chem_comp.formula
ACY non-polymer 'ACETIC ACID' 'C2 H4 O2'
GOL non-polymer GLYCEROL 'C3 H8 O3'
MAN D-saccharide, alpha linking alpha-D-mannopyranose 'C6 H12 O6'
SO4 non-polymer 'SULFATE ION' 'O4 S -2'
#
# COMPACT_ATOMS: atom_id res chain seq x y z
N THR A 8 3.79 7.83 -12.07
CA THR A 8 3.02 7.35 -13.25
C THR A 8 3.22 5.85 -13.43
N GLN A 9 2.16 5.15 -13.82
CA GLN A 9 2.21 3.71 -14.02
C GLN A 9 2.87 3.37 -15.35
N THR A 10 3.82 2.43 -15.34
CA THR A 10 4.51 2.05 -16.56
C THR A 10 4.48 0.55 -16.82
N THR A 11 3.85 -0.20 -15.94
CA THR A 11 3.76 -1.65 -16.09
C THR A 11 2.37 -2.14 -15.68
N GLY A 12 1.97 -3.28 -16.21
CA GLY A 12 0.65 -3.82 -15.89
C GLY A 12 0.61 -4.76 -14.70
N THR A 13 1.76 -5.04 -14.10
CA THR A 13 1.82 -5.95 -12.96
C THR A 13 1.94 -5.17 -11.65
N SER A 14 1.04 -5.45 -10.70
CA SER A 14 1.05 -4.77 -9.40
C SER A 14 2.23 -5.28 -8.57
N GLN A 15 2.51 -4.61 -7.46
CA GLN A 15 3.63 -5.02 -6.61
C GLN A 15 3.31 -5.03 -5.13
N THR A 16 4.23 -5.61 -4.36
CA THR A 16 4.12 -5.66 -2.91
C THR A 16 5.52 -5.42 -2.35
N ILE A 17 5.57 -5.00 -1.09
CA ILE A 17 6.83 -4.79 -0.40
C ILE A 17 7.47 -6.17 -0.24
N GLU A 18 8.79 -6.23 -0.40
CA GLU A 18 9.52 -7.48 -0.25
C GLU A 18 10.75 -7.34 0.64
N VAL A 19 10.83 -8.18 1.66
CA VAL A 19 11.96 -8.16 2.59
C VAL A 19 12.71 -9.48 2.55
N GLY A 20 14.01 -9.41 2.82
CA GLY A 20 14.85 -10.60 2.76
C GLY A 20 15.78 -10.37 1.58
N LEU A 21 16.53 -11.38 1.15
CA LEU A 21 16.48 -12.73 1.75
C LEU A 21 17.40 -12.89 2.95
N TRP A 22 17.07 -13.87 3.79
CA TRP A 22 17.88 -14.22 4.94
C TRP A 22 18.40 -15.61 4.58
N GLY A 23 19.70 -15.83 4.74
CA GLY A 23 20.27 -17.13 4.41
C GLY A 23 21.41 -17.02 3.42
N GLY A 24 21.73 -18.12 2.74
CA GLY A 24 22.82 -18.12 1.79
C GLY A 24 22.45 -18.05 0.32
N PRO A 25 23.45 -17.94 -0.57
CA PRO A 25 23.28 -17.84 -2.03
C PRO A 25 23.16 -19.18 -2.76
N GLY A 26 23.20 -20.28 -2.01
CA GLY A 26 23.12 -21.60 -2.63
C GLY A 26 21.74 -21.98 -3.13
N GLY A 27 21.65 -23.17 -3.72
CA GLY A 27 20.38 -23.66 -4.23
C GLY A 27 19.84 -22.88 -5.40
N ASN A 28 18.56 -23.08 -5.71
CA ASN A 28 17.91 -22.38 -6.81
C ASN A 28 16.82 -21.46 -6.29
N ALA A 29 16.77 -20.25 -6.83
CA ALA A 29 15.80 -19.25 -6.41
C ALA A 29 14.36 -19.59 -6.78
N TRP A 30 13.43 -19.25 -5.88
CA TRP A 30 12.01 -19.47 -6.12
C TRP A 30 11.23 -18.33 -5.50
N ASP A 31 10.03 -18.07 -6.01
CA ASP A 31 9.17 -17.00 -5.51
C ASP A 31 7.73 -17.35 -5.84
N ASP A 32 6.94 -17.61 -4.80
CA ASP A 32 5.53 -17.98 -4.99
C ASP A 32 4.67 -16.84 -5.48
N GLY A 33 5.13 -15.61 -5.25
CA GLY A 33 4.34 -14.46 -5.64
C GLY A 33 3.54 -14.01 -4.45
N SER A 34 2.50 -13.22 -4.66
CA SER A 34 1.70 -12.73 -3.56
C SER A 34 0.22 -13.08 -3.66
N TYR A 35 -0.43 -13.19 -2.50
CA TYR A 35 -1.84 -13.55 -2.43
C TYR A 35 -2.56 -12.68 -1.40
N THR A 36 -3.64 -13.19 -0.82
CA THR A 36 -4.37 -12.39 0.17
C THR A 36 -4.19 -12.88 1.60
N GLY A 37 -3.42 -13.94 1.77
CA GLY A 37 -3.19 -14.46 3.11
C GLY A 37 -2.58 -15.84 3.13
N ILE A 38 -2.41 -16.39 4.33
CA ILE A 38 -1.82 -17.72 4.49
C ILE A 38 -2.78 -18.65 5.23
N ARG A 39 -3.03 -19.81 4.62
CA ARG A 39 -3.92 -20.80 5.21
C ARG A 39 -3.17 -21.96 5.84
N GLU A 40 -2.13 -22.44 5.17
CA GLU A 40 -1.38 -23.58 5.69
C GLU A 40 0.06 -23.60 5.22
N ILE A 41 0.93 -24.11 6.10
CA ILE A 41 2.35 -24.23 5.80
C ILE A 41 2.79 -25.66 6.03
N ASN A 42 3.45 -26.24 5.02
CA ASN A 42 3.94 -27.62 5.12
C ASN A 42 5.45 -27.59 4.95
N LEU A 43 6.15 -28.10 5.95
CA LEU A 43 7.61 -28.12 5.90
C LEU A 43 8.15 -29.43 6.46
N SER A 44 9.45 -29.64 6.30
CA SER A 44 10.09 -30.83 6.83
C SER A 44 11.37 -30.31 7.47
N HIS A 45 11.83 -30.97 8.53
CA HIS A 45 13.04 -30.52 9.18
C HIS A 45 13.84 -31.64 9.84
N GLY A 46 15.13 -31.40 9.97
CA GLY A 46 16.05 -32.33 10.58
C GLY A 46 17.16 -31.47 11.15
N ASP A 47 18.32 -31.45 10.49
CA ASP A 47 19.41 -30.61 10.96
C ASP A 47 19.27 -29.24 10.30
N ALA A 48 18.18 -29.07 9.56
CA ALA A 48 17.85 -27.82 8.87
C ALA A 48 16.42 -27.91 8.35
N ILE A 49 15.96 -26.88 7.62
CA ILE A 49 14.62 -26.91 7.06
C ILE A 49 14.76 -27.49 5.64
N GLY A 50 14.04 -28.58 5.37
CA GLY A 50 14.14 -29.19 4.06
C GLY A 50 13.06 -28.73 3.11
N ALA A 51 11.87 -29.31 3.25
CA ALA A 51 10.74 -28.96 2.40
C ALA A 51 10.01 -27.73 2.94
N PHE A 52 9.40 -26.97 2.03
CA PHE A 52 8.64 -25.79 2.41
C PHE A 52 7.64 -25.48 1.31
N SER A 53 6.36 -25.64 1.64
CA SER A 53 5.28 -25.37 0.70
C SER A 53 4.16 -24.69 1.46
N VAL A 54 3.41 -23.83 0.77
CA VAL A 54 2.35 -23.10 1.42
C VAL A 54 1.01 -23.14 0.70
N ILE A 55 -0.07 -23.15 1.46
CA ILE A 55 -1.40 -23.10 0.88
C ILE A 55 -1.85 -21.70 1.24
N TYR A 56 -1.97 -20.84 0.23
CA TYR A 56 -2.37 -19.46 0.45
C TYR A 56 -3.86 -19.25 0.35
N ASP A 57 -4.30 -18.08 0.77
CA ASP A 57 -5.69 -17.73 0.62
C ASP A 57 -5.70 -16.77 -0.54
N LEU A 58 -6.69 -16.90 -1.40
CA LEU A 58 -6.82 -16.00 -2.53
C LEU A 58 -8.26 -15.57 -2.55
N ASN A 59 -8.52 -14.42 -1.94
CA ASN A 59 -9.86 -13.85 -1.89
C ASN A 59 -10.92 -14.78 -1.32
N GLY A 60 -10.59 -15.48 -0.23
CA GLY A 60 -11.55 -16.37 0.40
C GLY A 60 -11.49 -17.83 0.02
N GLN A 61 -10.67 -18.18 -0.96
CA GLN A 61 -10.53 -19.57 -1.37
C GLN A 61 -9.06 -19.97 -1.31
N PRO A 62 -8.78 -21.21 -0.88
CA PRO A 62 -7.37 -21.60 -0.81
C PRO A 62 -6.73 -21.70 -2.19
N PHE A 63 -5.43 -21.46 -2.24
CA PHE A 63 -4.68 -21.56 -3.49
C PHE A 63 -3.39 -22.28 -3.14
N THR A 64 -3.15 -23.41 -3.77
CA THR A 64 -1.94 -24.18 -3.50
C THR A 64 -0.74 -23.53 -4.18
N GLY A 65 0.23 -23.10 -3.38
CA GLY A 65 1.41 -22.48 -3.94
C GLY A 65 2.37 -23.50 -4.50
N PRO A 66 3.39 -23.05 -5.27
CA PRO A 66 4.38 -23.97 -5.84
C PRO A 66 5.06 -24.74 -4.72
N THR A 67 5.42 -26.00 -4.96
CA THR A 67 6.09 -26.80 -3.95
C THR A 67 7.60 -26.59 -3.99
N HIS A 68 8.23 -26.75 -2.83
CA HIS A 68 9.67 -26.60 -2.71
C HIS A 68 10.08 -27.71 -1.74
N PRO A 69 9.94 -28.98 -2.18
CA PRO A 69 10.26 -30.17 -1.41
C PRO A 69 11.72 -30.36 -0.98
N GLY A 70 12.65 -29.69 -1.65
CA GLY A 70 14.05 -29.87 -1.29
C GLY A 70 14.40 -31.33 -1.55
N ASN A 71 15.38 -31.87 -0.83
CA ASN A 71 15.75 -33.26 -1.06
C ASN A 71 16.37 -33.95 0.16
N GLU A 72 15.58 -34.07 1.21
CA GLU A 72 16.00 -34.71 2.46
C GLU A 72 14.86 -35.65 2.89
N PRO A 73 14.83 -36.87 2.33
CA PRO A 73 13.79 -37.86 2.66
C PRO A 73 13.74 -38.29 4.12
N SER A 74 14.80 -37.99 4.87
CA SER A 74 14.86 -38.36 6.29
C SER A 74 14.20 -37.34 7.22
N PHE A 75 14.04 -36.11 6.76
CA PHE A 75 13.42 -35.07 7.59
C PHE A 75 11.99 -35.39 8.00
N LYS A 76 11.60 -34.86 9.15
CA LYS A 76 10.24 -35.06 9.68
C LYS A 76 9.33 -33.99 9.09
N THR A 77 8.19 -34.40 8.55
CA THR A 77 7.25 -33.45 7.96
C THR A 77 6.37 -32.83 9.04
N VAL A 78 5.96 -31.58 8.81
CA VAL A 78 5.11 -30.86 9.73
C VAL A 78 4.06 -30.08 8.94
N LYS A 79 2.82 -30.10 9.44
CA LYS A 79 1.73 -29.37 8.79
C LYS A 79 1.18 -28.35 9.77
N ILE A 80 1.30 -27.08 9.41
CA ILE A 80 0.79 -26.00 10.25
C ILE A 80 -0.47 -25.44 9.58
N THR A 81 -1.63 -25.84 10.09
CA THR A 81 -2.90 -25.37 9.55
C THR A 81 -3.41 -24.23 10.42
N LEU A 82 -3.41 -23.02 9.86
CA LEU A 82 -3.85 -21.85 10.61
C LEU A 82 -5.37 -21.69 10.58
N ASP A 83 -5.90 -21.09 11.64
CA ASP A 83 -7.34 -20.84 11.74
C ASP A 83 -7.59 -19.52 10.98
N PHE A 84 -7.47 -19.60 9.66
CA PHE A 84 -7.67 -18.44 8.80
C PHE A 84 -9.15 -18.05 8.70
N PRO A 85 -9.45 -16.73 8.70
CA PRO A 85 -8.54 -15.58 8.78
C PRO A 85 -8.26 -15.05 10.18
N ASN A 86 -8.91 -15.61 11.18
CA ASN A 86 -8.72 -15.17 12.57
C ASN A 86 -7.27 -15.29 13.04
N GLU A 87 -6.59 -16.35 12.61
CA GLU A 87 -5.20 -16.57 13.00
C GLU A 87 -4.25 -16.20 11.88
N PHE A 88 -3.23 -15.40 12.20
CA PHE A 88 -2.26 -14.96 11.21
C PHE A 88 -0.89 -14.70 11.84
N LEU A 89 0.15 -14.82 11.03
CA LEU A 89 1.52 -14.61 11.49
C LEU A 89 1.82 -13.19 11.95
N VAL A 90 2.43 -13.06 13.13
CA VAL A 90 2.82 -11.76 13.66
C VAL A 90 4.34 -11.73 13.75
N SER A 91 4.96 -12.86 13.43
CA SER A 91 6.41 -12.96 13.46
C SER A 91 6.95 -14.27 12.89
N VAL A 92 8.09 -14.16 12.22
CA VAL A 92 8.78 -15.32 11.67
C VAL A 92 10.24 -15.12 12.05
N SER A 93 10.85 -16.15 12.60
CA SER A 93 12.25 -16.06 13.00
C SER A 93 12.92 -17.41 12.77
N GLY A 94 14.24 -17.44 12.93
CA GLY A 94 14.97 -18.68 12.73
C GLY A 94 16.46 -18.48 12.86
N TYR A 95 17.22 -19.40 12.27
CA TYR A 95 18.67 -19.33 12.30
C TYR A 95 19.24 -19.63 10.92
N THR A 96 20.30 -18.91 10.57
CA THR A 96 20.98 -19.12 9.29
C THR A 96 22.42 -19.48 9.64
N GLY A 97 22.90 -20.58 9.07
CA GLY A 97 24.26 -20.99 9.35
C GLY A 97 24.70 -22.10 8.43
N VAL A 98 25.99 -22.41 8.45
CA VAL A 98 26.53 -23.46 7.61
C VAL A 98 26.16 -24.82 8.15
N LEU A 99 26.12 -25.80 7.25
CA LEU A 99 25.80 -27.17 7.60
C LEU A 99 27.05 -27.97 7.24
N ALA A 100 27.65 -28.60 8.23
CA ALA A 100 28.87 -29.38 8.01
C ALA A 100 28.82 -30.25 6.76
N ARG A 101 27.79 -31.08 6.64
CA ARG A 101 27.67 -31.99 5.51
C ARG A 101 27.59 -31.34 4.12
N LEU A 102 27.37 -30.03 4.07
CA LEU A 102 27.29 -29.34 2.78
C LEU A 102 28.67 -28.85 2.34
N ALA A 103 29.56 -28.64 3.31
CA ALA A 103 30.93 -28.21 3.04
C ALA A 103 31.04 -27.08 2.01
N THR A 104 30.21 -26.05 2.15
CA THR A 104 30.25 -24.93 1.21
C THR A 104 30.63 -23.63 1.90
N GLY A 105 30.56 -23.62 3.23
CA GLY A 105 30.90 -22.42 3.98
C GLY A 105 29.80 -21.38 3.86
N LYS A 106 28.73 -21.72 3.14
CA LYS A 106 27.61 -20.81 2.96
C LYS A 106 26.45 -21.16 3.88
N ASP A 107 25.65 -20.16 4.23
CA ASP A 107 24.53 -20.37 5.12
C ASP A 107 23.30 -20.96 4.45
N VAL A 108 22.50 -21.64 5.27
CA VAL A 108 21.24 -22.23 4.84
C VAL A 108 20.31 -21.93 6.01
N ILE A 109 19.02 -22.17 5.84
CA ILE A 109 18.07 -21.92 6.91
C ILE A 109 18.09 -23.15 7.83
N ARG A 110 18.79 -23.03 8.95
CA ARG A 110 18.92 -24.12 9.91
C ARG A 110 17.68 -24.31 10.75
N SER A 111 17.01 -23.22 11.08
CA SER A 111 15.81 -23.29 11.91
C SER A 111 14.78 -22.25 11.50
N LEU A 112 13.53 -22.49 11.91
CA LEU A 112 12.43 -21.59 11.61
C LEU A 112 11.40 -21.71 12.73
N THR A 113 10.85 -20.57 13.14
CA THR A 113 9.83 -20.51 14.18
C THR A 113 8.72 -19.61 13.66
N PHE A 114 7.48 -20.07 13.74
CA PHE A 114 6.34 -19.29 13.27
C PHE A 114 5.42 -18.89 14.42
N LYS A 115 5.29 -17.60 14.65
CA LYS A 115 4.44 -17.11 15.72
C LYS A 115 3.25 -16.33 15.17
N THR A 116 2.05 -16.78 15.51
CA THR A 116 0.84 -16.12 15.07
C THR A 116 0.28 -15.35 16.27
N ASN A 117 -0.88 -14.74 16.08
CA ASN A 117 -1.52 -13.99 17.16
C ASN A 117 -2.17 -14.97 18.14
N LYS A 118 -2.18 -16.25 17.78
CA LYS A 118 -2.78 -17.28 18.62
C LYS A 118 -1.77 -18.18 19.33
N LYS A 119 -0.67 -18.53 18.65
CA LYS A 119 0.33 -19.39 19.27
C LYS A 119 1.64 -19.43 18.51
N THR A 120 2.57 -20.23 19.01
CA THR A 120 3.87 -20.37 18.38
C THR A 120 4.08 -21.78 17.86
N TYR A 121 4.58 -21.87 16.64
CA TYR A 121 4.85 -23.15 16.01
C TYR A 121 6.36 -23.24 15.82
N GLY A 122 6.95 -24.30 16.38
CA GLY A 122 8.39 -24.45 16.27
C GLY A 122 9.04 -24.24 17.62
N PRO A 123 10.37 -24.06 17.68
CA PRO A 123 11.29 -24.06 16.54
C PRO A 123 11.42 -25.40 15.83
N TYR A 124 11.64 -25.34 14.53
CA TYR A 124 11.81 -26.53 13.70
C TYR A 124 13.26 -26.50 13.23
N GLY A 125 13.87 -27.67 13.13
CA GLY A 125 15.25 -27.74 12.69
C GLY A 125 16.18 -27.61 13.89
N LYS A 126 17.34 -27.02 13.68
CA LYS A 126 18.32 -26.83 14.75
C LYS A 126 18.67 -25.36 14.90
N GLU A 127 18.51 -24.83 16.10
CA GLU A 127 18.80 -23.43 16.35
C GLU A 127 20.30 -23.20 16.50
N GLU A 128 21.01 -23.24 15.37
CA GLU A 128 22.45 -23.04 15.37
C GLU A 128 22.81 -22.08 14.25
N GLY A 129 23.84 -21.27 14.50
CA GLY A 129 24.27 -20.30 13.51
C GLY A 129 23.93 -18.90 13.98
N THR A 130 23.44 -18.06 13.06
CA THR A 130 23.08 -16.69 13.40
C THR A 130 21.57 -16.54 13.34
N PRO A 131 20.95 -16.10 14.44
CA PRO A 131 19.49 -15.94 14.44
C PRO A 131 19.05 -14.72 13.63
N PHE A 132 17.80 -14.74 13.19
CA PHE A 132 17.24 -13.63 12.44
C PHE A 132 15.77 -13.62 12.82
N SER A 133 15.09 -12.50 12.59
CA SER A 133 13.68 -12.44 12.96
C SER A 133 12.97 -11.27 12.30
N LEU A 134 11.70 -11.50 11.99
CA LEU A 134 10.89 -10.47 11.40
C LEU A 134 9.59 -10.30 12.17
N PRO A 135 9.63 -9.50 13.25
CA PRO A 135 8.41 -9.29 14.02
C PRO A 135 7.58 -8.28 13.22
N ILE A 136 6.27 -8.48 13.16
CA ILE A 136 5.41 -7.57 12.42
C ILE A 136 4.40 -6.88 13.31
N GLU A 137 4.33 -5.56 13.22
CA GLU A 137 3.39 -4.78 14.04
C GLU A 137 2.14 -4.39 13.25
N ASN A 138 2.29 -4.18 11.94
CA ASN A 138 1.16 -3.81 11.10
C ASN A 138 1.40 -4.37 9.71
N GLY A 139 0.43 -5.11 9.19
CA GLY A 139 0.60 -5.70 7.88
C GLY A 139 0.65 -7.21 7.96
N LEU A 140 0.74 -7.87 6.81
CA LEU A 140 0.75 -9.32 6.73
C LEU A 140 1.73 -9.86 5.71
N ILE A 141 2.17 -11.10 5.93
CA ILE A 141 3.02 -11.77 4.97
C ILE A 141 1.98 -12.32 3.98
N VAL A 142 2.13 -12.01 2.70
CA VAL A 142 1.18 -12.48 1.71
C VAL A 142 1.83 -13.33 0.64
N GLY A 143 3.10 -13.67 0.87
CA GLY A 143 3.82 -14.49 -0.09
C GLY A 143 5.18 -14.85 0.43
N PHE A 144 5.67 -16.02 0.01
CA PHE A 144 6.98 -16.49 0.42
C PHE A 144 7.88 -16.62 -0.81
N LYS A 145 9.17 -16.39 -0.60
CA LYS A 145 10.15 -16.53 -1.66
C LYS A 145 11.43 -17.03 -1.00
N GLY A 146 12.37 -17.50 -1.80
CA GLY A 146 13.60 -17.99 -1.21
C GLY A 146 14.49 -18.71 -2.21
N ARG A 147 15.30 -19.63 -1.68
CA ARG A 147 16.22 -20.43 -2.48
C ARG A 147 16.25 -21.83 -1.88
N SER A 148 16.27 -22.85 -2.74
CA SER A 148 16.30 -24.23 -2.27
C SER A 148 17.13 -25.17 -3.13
N GLY A 149 17.77 -26.12 -2.45
CA GLY A 149 18.57 -27.14 -3.10
C GLY A 149 18.10 -28.38 -2.37
N PHE A 150 18.97 -28.98 -1.57
CA PHE A 150 18.60 -30.15 -0.77
C PHE A 150 17.75 -29.63 0.39
N VAL A 151 18.07 -28.42 0.85
CA VAL A 151 17.34 -27.81 1.95
C VAL A 151 16.99 -26.37 1.59
N VAL A 152 16.36 -25.65 2.52
CA VAL A 152 16.01 -24.26 2.26
C VAL A 152 17.26 -23.42 2.52
N ASP A 153 17.86 -22.90 1.44
CA ASP A 153 19.06 -22.08 1.52
C ASP A 153 18.79 -20.67 2.03
N ALA A 154 17.69 -20.08 1.58
CA ALA A 154 17.32 -18.73 1.99
C ALA A 154 15.82 -18.54 1.94
N ILE A 155 15.33 -17.51 2.62
CA ILE A 155 13.89 -17.26 2.64
C ILE A 155 13.61 -15.76 2.74
N GLY A 156 12.50 -15.33 2.15
CA GLY A 156 12.10 -13.93 2.16
C GLY A 156 10.58 -13.81 2.16
N PHE A 157 10.05 -12.61 2.34
CA PHE A 157 8.61 -12.44 2.39
C PHE A 157 8.04 -11.25 1.63
N HIS A 158 6.84 -11.43 1.09
CA HIS A 158 6.12 -10.36 0.40
C HIS A 158 5.19 -9.84 1.50
N LEU A 159 5.13 -8.52 1.68
CA LEU A 159 4.29 -7.95 2.73
C LEU A 159 3.22 -7.02 2.17
N SER A 160 2.08 -6.96 2.86
CA SER A 160 1.00 -6.08 2.45
C SER A 160 0.08 -5.72 3.59
N LEU A 161 -0.60 -4.58 3.47
CA LEU A 161 -1.55 -4.17 4.49
C LEU A 161 -2.83 -4.96 4.22
N THR B 8 -1.89 -1.62 13.81
CA THR B 8 -1.87 -3.00 14.39
C THR B 8 -2.71 -3.94 13.53
N GLN B 9 -2.19 -5.14 13.29
CA GLN B 9 -2.90 -6.11 12.45
C GLN B 9 -3.95 -6.86 13.26
N THR B 10 -5.18 -6.88 12.76
CA THR B 10 -6.27 -7.55 13.46
C THR B 10 -6.99 -8.62 12.64
N THR B 11 -6.59 -8.80 11.38
CA THR B 11 -7.21 -9.82 10.55
C THR B 11 -6.17 -10.44 9.62
N GLY B 12 -6.44 -11.67 9.19
CA GLY B 12 -5.50 -12.36 8.32
C GLY B 12 -5.67 -12.14 6.83
N THR B 13 -6.66 -11.35 6.43
CA THR B 13 -6.87 -11.08 5.01
C THR B 13 -6.29 -9.73 4.62
N SER B 14 -5.43 -9.72 3.60
CA SER B 14 -4.83 -8.46 3.15
C SER B 14 -5.91 -7.59 2.52
N GLN B 15 -5.58 -6.35 2.21
CA GLN B 15 -6.58 -5.47 1.61
C GLN B 15 -5.94 -4.53 0.59
N THR B 16 -6.81 -3.88 -0.18
CA THR B 16 -6.39 -2.93 -1.20
C THR B 16 -7.31 -1.72 -1.12
N ILE B 17 -6.89 -0.63 -1.75
CA ILE B 17 -7.73 0.56 -1.80
C ILE B 17 -8.91 0.17 -2.68
N GLU B 18 -10.10 0.66 -2.34
CA GLU B 18 -11.30 0.36 -3.10
C GLU B 18 -12.10 1.63 -3.38
N VAL B 19 -12.30 1.94 -4.65
CA VAL B 19 -13.08 3.11 -5.03
C VAL B 19 -14.40 2.67 -5.65
N GLY B 20 -15.43 3.49 -5.52
CA GLY B 20 -16.74 3.14 -6.01
C GLY B 20 -17.64 3.01 -4.79
N LEU B 21 -18.85 2.47 -4.95
CA LEU B 21 -19.35 2.01 -6.22
C LEU B 21 -20.08 3.12 -6.98
N TRP B 22 -20.12 2.98 -8.30
CA TRP B 22 -20.83 3.90 -9.16
C TRP B 22 -22.01 3.05 -9.63
N GLY B 23 -23.21 3.60 -9.58
CA GLY B 23 -24.38 2.85 -9.98
C GLY B 23 -25.44 2.86 -8.90
N GLY B 24 -26.43 1.97 -8.99
CA GLY B 24 -27.51 1.93 -8.01
C GLY B 24 -27.42 0.83 -6.97
N PRO B 25 -28.37 0.80 -6.03
CA PRO B 25 -28.42 -0.20 -4.94
C PRO B 25 -29.11 -1.52 -5.29
N GLY B 26 -29.66 -1.62 -6.50
CA GLY B 26 -30.35 -2.84 -6.89
C GLY B 26 -29.40 -4.02 -7.10
N GLY B 27 -29.97 -5.16 -7.48
CA GLY B 27 -29.14 -6.34 -7.70
C GLY B 27 -28.51 -6.90 -6.43
N ASN B 28 -27.54 -7.80 -6.60
CA ASN B 28 -26.86 -8.41 -5.47
C ASN B 28 -25.36 -8.12 -5.56
N ALA B 29 -24.75 -7.82 -4.41
CA ALA B 29 -23.33 -7.51 -4.36
C ALA B 29 -22.39 -8.67 -4.71
N TRP B 30 -21.27 -8.34 -5.32
CA TRP B 30 -20.23 -9.31 -5.65
C TRP B 30 -18.89 -8.59 -5.58
N ASP B 31 -17.84 -9.35 -5.30
CA ASP B 31 -16.50 -8.77 -5.19
C ASP B 31 -15.51 -9.86 -5.59
N ASP B 32 -14.80 -9.65 -6.70
CA ASP B 32 -13.84 -10.62 -7.18
C ASP B 32 -12.61 -10.66 -6.28
N GLY B 33 -12.39 -9.58 -5.54
CA GLY B 33 -11.21 -9.53 -4.68
C GLY B 33 -10.07 -8.92 -5.48
N SER B 34 -8.84 -9.12 -5.04
CA SER B 34 -7.69 -8.54 -5.72
C SER B 34 -6.69 -9.56 -6.24
N TYR B 35 -5.98 -9.18 -7.30
CA TYR B 35 -4.99 -10.04 -7.95
C TYR B 35 -3.78 -9.17 -8.31
N THR B 36 -3.04 -9.57 -9.33
CA THR B 36 -1.86 -8.78 -9.70
C THR B 36 -2.00 -8.02 -11.00
N GLY B 37 -3.11 -8.22 -11.70
CA GLY B 37 -3.33 -7.52 -12.96
C GLY B 37 -4.56 -7.98 -13.69
N ILE B 38 -4.80 -7.41 -14.86
CA ILE B 38 -5.97 -7.74 -15.67
C ILE B 38 -5.54 -8.24 -17.05
N ARG B 39 -6.04 -9.41 -17.44
CA ARG B 39 -5.68 -9.98 -18.73
C ARG B 39 -6.78 -9.86 -19.79
N GLU B 40 -8.02 -10.11 -19.37
CA GLU B 40 -9.14 -10.08 -20.30
C GLU B 40 -10.44 -9.70 -19.63
N ILE B 41 -11.32 -9.03 -20.38
CA ILE B 41 -12.62 -8.63 -19.89
C ILE B 41 -13.70 -9.11 -20.87
N ASN B 42 -14.70 -9.79 -20.34
CA ASN B 42 -15.81 -10.28 -21.15
C ASN B 42 -17.10 -9.65 -20.65
N LEU B 43 -17.78 -8.94 -21.53
CA LEU B 43 -19.01 -8.27 -21.15
C LEU B 43 -20.05 -8.41 -22.26
N SER B 44 -21.26 -7.91 -22.00
CA SER B 44 -22.32 -7.93 -22.99
C SER B 44 -22.96 -6.57 -22.86
N HIS B 45 -23.53 -6.06 -23.94
CA HIS B 45 -24.14 -4.74 -23.89
C HIS B 45 -25.24 -4.55 -24.92
N GLY B 46 -26.13 -3.61 -24.62
CA GLY B 46 -27.24 -3.27 -25.49
C GLY B 46 -27.67 -1.88 -25.05
N ASP B 47 -28.78 -1.80 -24.31
CA ASP B 47 -29.24 -0.52 -23.82
C ASP B 47 -28.62 -0.30 -22.43
N ALA B 48 -27.78 -1.25 -22.03
CA ALA B 48 -27.06 -1.21 -20.75
C ALA B 48 -25.94 -2.24 -20.81
N ILE B 49 -25.23 -2.43 -19.69
CA ILE B 49 -24.17 -3.43 -19.62
C ILE B 49 -24.77 -4.62 -18.87
N GLY B 50 -24.76 -5.79 -19.49
CA GLY B 50 -25.34 -6.97 -18.87
C GLY B 50 -24.36 -7.87 -18.14
N ALA B 51 -23.54 -8.59 -18.89
CA ALA B 51 -22.55 -9.47 -18.30
C ALA B 51 -21.22 -8.72 -18.09
N PHE B 52 -20.46 -9.15 -17.08
CA PHE B 52 -19.15 -8.58 -16.79
C PHE B 52 -18.34 -9.64 -16.06
N SER B 53 -17.36 -10.21 -16.75
CA SER B 53 -16.52 -11.25 -16.17
C SER B 53 -15.08 -10.97 -16.56
N VAL B 54 -14.16 -11.23 -15.64
CA VAL B 54 -12.76 -10.93 -15.85
C VAL B 54 -11.78 -12.09 -15.68
N ILE B 55 -10.74 -12.07 -16.49
CA ILE B 55 -9.67 -13.06 -16.39
C ILE B 55 -8.49 -12.23 -15.87
N TYR B 56 -8.11 -12.47 -14.63
CA TYR B 56 -7.04 -11.72 -14.02
C TYR B 56 -5.67 -12.35 -14.21
N ASP B 57 -4.66 -11.60 -13.80
CA ASP B 57 -3.31 -12.14 -13.82
C ASP B 57 -3.04 -12.41 -12.35
N LEU B 58 -2.42 -13.55 -12.07
CA LEU B 58 -2.07 -13.90 -10.71
C LEU B 58 -0.62 -14.33 -10.76
N ASN B 59 0.27 -13.41 -10.41
CA ASN B 59 1.70 -13.69 -10.40
C ASN B 59 2.24 -14.23 -11.72
N GLY B 60 1.83 -13.64 -12.84
CA GLY B 60 2.32 -14.09 -14.13
C GLY B 60 1.51 -15.16 -14.85
N GLN B 61 0.46 -15.67 -14.21
CA GLN B 61 -0.38 -16.67 -14.84
C GLN B 61 -1.85 -16.24 -14.81
N PRO B 62 -2.62 -16.62 -15.85
CA PRO B 62 -4.03 -16.24 -15.90
C PRO B 62 -4.84 -16.87 -14.77
N PHE B 63 -5.83 -16.14 -14.28
CA PHE B 63 -6.72 -16.66 -13.24
C PHE B 63 -8.11 -16.15 -13.55
N THR B 64 -9.01 -17.07 -13.85
CA THR B 64 -10.39 -16.71 -14.17
C THR B 64 -11.19 -16.36 -12.93
N GLY B 65 -11.68 -15.12 -12.89
CA GLY B 65 -12.45 -14.69 -11.74
C GLY B 65 -13.88 -15.19 -11.79
N PRO B 66 -14.64 -15.03 -10.71
CA PRO B 66 -16.04 -15.49 -10.69
C PRO B 66 -16.79 -14.76 -11.80
N THR B 67 -17.79 -15.40 -12.39
CA THR B 67 -18.53 -14.76 -13.46
C THR B 67 -19.70 -13.94 -12.92
N HIS B 68 -20.10 -12.93 -13.68
CA HIS B 68 -21.23 -12.07 -13.32
C HIS B 68 -21.96 -11.83 -14.65
N PRO B 69 -22.63 -12.87 -15.17
CA PRO B 69 -23.34 -12.76 -16.43
C PRO B 69 -24.64 -11.96 -16.41
N GLY B 70 -25.20 -11.73 -15.23
CA GLY B 70 -26.47 -11.03 -15.18
C GLY B 70 -27.46 -12.01 -15.79
N ASN B 71 -28.67 -11.56 -16.11
CA ASN B 71 -29.66 -12.48 -16.68
C ASN B 71 -30.34 -11.97 -17.95
N GLU B 72 -29.66 -11.09 -18.68
CA GLU B 72 -30.17 -10.53 -19.93
C GLU B 72 -29.44 -11.32 -21.04
N PRO B 73 -30.15 -12.25 -21.68
CA PRO B 73 -29.57 -13.08 -22.74
C PRO B 73 -29.48 -12.51 -24.15
N SER B 74 -30.11 -11.36 -24.39
CA SER B 74 -30.12 -10.78 -25.73
C SER B 74 -29.05 -9.77 -26.10
N PHE B 75 -28.19 -9.40 -25.14
CA PHE B 75 -27.14 -8.41 -25.43
C PHE B 75 -26.03 -8.91 -26.34
N LYS B 76 -25.30 -7.96 -26.93
CA LYS B 76 -24.16 -8.25 -27.80
C LYS B 76 -22.98 -8.61 -26.89
N THR B 77 -22.33 -9.75 -27.13
CA THR B 77 -21.20 -10.15 -26.30
C THR B 77 -19.89 -9.59 -26.85
N VAL B 78 -19.02 -9.15 -25.95
CA VAL B 78 -17.75 -8.58 -26.35
C VAL B 78 -16.58 -9.10 -25.52
N LYS B 79 -15.48 -9.40 -26.19
CA LYS B 79 -14.28 -9.88 -25.53
C LYS B 79 -13.15 -8.88 -25.70
N ILE B 80 -12.60 -8.41 -24.58
CA ILE B 80 -11.49 -7.47 -24.63
C ILE B 80 -10.27 -8.21 -24.09
N THR B 81 -9.32 -8.51 -24.98
CA THR B 81 -8.10 -9.21 -24.58
C THR B 81 -6.97 -8.19 -24.56
N LEU B 82 -6.46 -7.91 -23.36
CA LEU B 82 -5.38 -6.94 -23.21
C LEU B 82 -4.01 -7.56 -23.43
N ASP B 83 -3.11 -6.80 -24.01
CA ASP B 83 -1.75 -7.26 -24.25
C ASP B 83 -1.00 -7.16 -22.94
N PHE B 84 -1.37 -8.00 -21.98
CA PHE B 84 -0.75 -8.03 -20.65
C PHE B 84 0.68 -8.56 -20.73
N PRO B 85 1.63 -7.96 -19.97
CA PRO B 85 1.49 -6.83 -19.04
C PRO B 85 1.81 -5.45 -19.61
N ASN B 86 2.18 -5.37 -20.89
CA ASN B 86 2.50 -4.06 -21.46
C ASN B 86 1.30 -3.12 -21.57
N GLU B 87 0.11 -3.68 -21.78
CA GLU B 87 -1.10 -2.87 -21.88
C GLU B 87 -1.90 -3.00 -20.59
N PHE B 88 -2.35 -1.87 -20.05
CA PHE B 88 -3.12 -1.86 -18.81
C PHE B 88 -4.03 -0.64 -18.79
N LEU B 89 -5.11 -0.72 -18.01
CA LEU B 89 -6.07 0.37 -17.93
C LEU B 89 -5.52 1.63 -17.26
N VAL B 90 -5.80 2.78 -17.86
CA VAL B 90 -5.38 4.06 -17.30
C VAL B 90 -6.63 4.86 -17.00
N SER B 91 -7.78 4.30 -17.40
CA SER B 91 -9.05 4.95 -17.15
C SER B 91 -10.26 4.06 -17.44
N VAL B 92 -11.30 4.21 -16.62
CA VAL B 92 -12.55 3.48 -16.79
C VAL B 92 -13.65 4.51 -16.55
N SER B 93 -14.56 4.61 -17.51
CA SER B 93 -15.65 5.55 -17.38
C SER B 93 -16.95 4.91 -17.85
N GLY B 94 -18.06 5.63 -17.68
CA GLY B 94 -19.34 5.10 -18.09
C GLY B 94 -20.49 6.03 -17.73
N TYR B 95 -21.69 5.45 -17.74
CA TYR B 95 -22.92 6.18 -17.43
C TYR B 95 -23.79 5.33 -16.52
N THR B 96 -24.41 5.98 -15.55
CA THR B 96 -25.31 5.30 -14.63
C THR B 96 -26.65 6.01 -14.78
N GLY B 97 -27.73 5.23 -14.80
CA GLY B 97 -29.04 5.84 -14.94
C GLY B 97 -30.12 4.78 -14.88
N VAL B 98 -31.36 5.23 -14.84
CA VAL B 98 -32.50 4.33 -14.77
C VAL B 98 -32.72 3.69 -16.13
N LEU B 99 -33.10 2.41 -16.12
CA LEU B 99 -33.42 1.69 -17.35
C LEU B 99 -34.90 1.36 -17.16
N ALA B 100 -35.74 2.09 -17.88
CA ALA B 100 -37.19 1.95 -17.78
C ALA B 100 -37.76 0.53 -17.78
N ARG B 101 -37.33 -0.33 -18.70
CA ARG B 101 -37.88 -1.68 -18.77
C ARG B 101 -37.62 -2.57 -17.56
N LEU B 102 -36.78 -2.10 -16.63
CA LEU B 102 -36.49 -2.87 -15.43
C LEU B 102 -37.59 -2.65 -14.39
N ALA B 103 -38.30 -1.53 -14.51
CA ALA B 103 -39.38 -1.17 -13.59
C ALA B 103 -38.88 -1.10 -12.15
N THR B 104 -37.72 -0.48 -11.95
CA THR B 104 -37.16 -0.34 -10.60
C THR B 104 -36.98 1.12 -10.22
N GLY B 105 -36.72 1.97 -11.21
CA GLY B 105 -36.52 3.38 -10.93
C GLY B 105 -35.19 3.64 -10.24
N LYS B 106 -34.31 2.65 -10.24
CA LYS B 106 -33.00 2.79 -9.63
C LYS B 106 -31.91 2.70 -10.70
N ASP B 107 -30.82 3.46 -10.51
CA ASP B 107 -29.73 3.47 -11.47
C ASP B 107 -29.01 2.15 -11.68
N VAL B 108 -28.57 1.92 -12.91
CA VAL B 108 -27.80 0.74 -13.26
C VAL B 108 -26.69 1.26 -14.17
N ILE B 109 -25.76 0.40 -14.56
CA ILE B 109 -24.67 0.82 -15.43
C ILE B 109 -25.19 0.77 -16.86
N ARG B 110 -25.43 1.96 -17.43
CA ARG B 110 -25.94 2.07 -18.79
C ARG B 110 -24.82 1.92 -19.82
N SER B 111 -23.64 2.43 -19.49
CA SER B 111 -22.52 2.35 -20.41
C SER B 111 -21.17 2.26 -19.71
N LEU B 112 -20.19 1.69 -20.41
CA LEU B 112 -18.85 1.55 -19.88
C LEU B 112 -17.86 1.79 -21.02
N THR B 113 -16.74 2.41 -20.69
CA THR B 113 -15.67 2.68 -21.64
C THR B 113 -14.37 2.33 -20.92
N PHE B 114 -13.51 1.57 -21.59
CA PHE B 114 -12.24 1.14 -21.01
C PHE B 114 -11.09 1.72 -21.82
N LYS B 115 -10.25 2.52 -21.17
CA LYS B 115 -9.12 3.12 -21.83
C LYS B 115 -7.80 2.60 -21.25
N THR B 116 -6.97 2.02 -22.12
CA THR B 116 -5.68 1.52 -21.66
C THR B 116 -4.63 2.48 -22.18
N ASN B 117 -3.36 2.19 -21.90
CA ASN B 117 -2.28 3.05 -22.37
C ASN B 117 -2.06 2.81 -23.87
N LYS B 118 -2.79 1.86 -24.44
CA LYS B 118 -2.66 1.53 -25.86
C LYS B 118 -3.83 1.99 -26.73
N LYS B 119 -5.05 1.82 -26.23
CA LYS B 119 -6.23 2.22 -26.99
C LYS B 119 -7.47 2.31 -26.11
N THR B 120 -8.59 2.66 -26.74
CA THR B 120 -9.86 2.78 -26.04
C THR B 120 -10.85 1.71 -26.51
N TYR B 121 -11.50 1.07 -25.55
CA TYR B 121 -12.50 0.04 -25.86
C TYR B 121 -13.85 0.57 -25.41
N GLY B 122 -14.77 0.68 -26.36
CA GLY B 122 -16.09 1.21 -26.04
C GLY B 122 -16.28 2.54 -26.75
N PRO B 123 -17.32 3.31 -26.40
CA PRO B 123 -18.31 3.01 -25.36
C PRO B 123 -19.23 1.85 -25.67
N TYR B 124 -19.54 1.07 -24.64
CA TYR B 124 -20.42 -0.07 -24.77
C TYR B 124 -21.74 0.35 -24.12
N GLY B 125 -22.84 -0.20 -24.60
CA GLY B 125 -24.14 0.15 -24.05
C GLY B 125 -24.65 1.48 -24.55
N LYS B 126 -25.46 2.14 -23.72
CA LYS B 126 -26.07 3.43 -24.07
C LYS B 126 -25.55 4.54 -23.17
N GLU B 127 -24.95 5.56 -23.78
CA GLU B 127 -24.44 6.68 -23.01
C GLU B 127 -25.58 7.63 -22.68
N GLU B 128 -26.30 7.28 -21.62
CA GLU B 128 -27.44 8.05 -21.20
C GLU B 128 -27.49 8.02 -19.68
N GLY B 129 -27.82 9.14 -19.06
CA GLY B 129 -27.87 9.21 -17.61
C GLY B 129 -26.76 10.10 -17.08
N THR B 130 -26.18 9.71 -15.95
CA THR B 130 -25.10 10.48 -15.32
C THR B 130 -23.74 9.85 -15.59
N PRO B 131 -22.82 10.61 -16.23
CA PRO B 131 -21.51 10.04 -16.50
C PRO B 131 -20.63 9.95 -15.25
N PHE B 132 -19.63 9.09 -15.30
CA PHE B 132 -18.69 8.92 -14.22
C PHE B 132 -17.37 8.50 -14.86
N SER B 133 -16.26 8.77 -14.20
CA SER B 133 -14.96 8.42 -14.77
C SER B 133 -13.91 8.31 -13.68
N LEU B 134 -12.98 7.37 -13.89
CA LEU B 134 -11.93 7.16 -12.94
C LEU B 134 -10.59 7.13 -13.66
N PRO B 135 -10.00 8.30 -13.91
CA PRO B 135 -8.71 8.33 -14.58
C PRO B 135 -7.66 7.96 -13.54
N ILE B 136 -6.69 7.14 -13.93
CA ILE B 136 -5.63 6.71 -13.01
C ILE B 136 -4.29 7.24 -13.45
N GLU B 137 -3.62 7.96 -12.55
CA GLU B 137 -2.30 8.52 -12.86
C GLU B 137 -1.18 7.61 -12.38
N ASN B 138 -1.40 6.97 -11.23
CA ASN B 138 -0.40 6.06 -10.69
C ASN B 138 -1.12 4.95 -9.95
N GLY B 139 -0.74 3.71 -10.25
CA GLY B 139 -1.38 2.57 -9.63
C GLY B 139 -2.12 1.75 -10.69
N LEU B 140 -2.69 0.63 -10.27
CA LEU B 140 -3.39 -0.27 -11.18
C LEU B 140 -4.67 -0.82 -10.59
N ILE B 141 -5.64 -1.13 -11.47
CA ILE B 141 -6.87 -1.77 -11.03
C ILE B 141 -6.46 -3.24 -10.94
N VAL B 142 -6.58 -3.83 -9.76
CA VAL B 142 -6.21 -5.22 -9.58
C VAL B 142 -7.40 -6.11 -9.24
N GLY B 143 -8.60 -5.55 -9.36
CA GLY B 143 -9.79 -6.33 -9.05
C GLY B 143 -11.05 -5.51 -9.24
N PHE B 144 -12.14 -6.18 -9.56
CA PHE B 144 -13.43 -5.51 -9.76
C PHE B 144 -14.43 -5.98 -8.71
N LYS B 145 -15.40 -5.12 -8.42
CA LYS B 145 -16.46 -5.44 -7.46
C LYS B 145 -17.68 -4.68 -7.96
N GLY B 146 -18.85 -5.00 -7.43
CA GLY B 146 -20.05 -4.31 -7.88
C GLY B 146 -21.33 -4.98 -7.46
N ARG B 147 -22.38 -4.73 -8.23
CA ARG B 147 -23.70 -5.31 -7.97
C ARG B 147 -24.32 -5.70 -9.30
N SER B 148 -24.96 -6.86 -9.33
CA SER B 148 -25.62 -7.34 -10.54
C SER B 148 -26.96 -8.01 -10.22
N GLY B 149 -27.91 -7.86 -11.14
CA GLY B 149 -29.22 -8.45 -11.01
C GLY B 149 -29.50 -8.95 -12.42
N PHE B 150 -30.42 -8.29 -13.12
CA PHE B 150 -30.72 -8.64 -14.50
C PHE B 150 -29.52 -8.15 -15.31
N VAL B 151 -28.98 -7.00 -14.92
CA VAL B 151 -27.79 -6.41 -15.57
C VAL B 151 -26.82 -5.91 -14.49
N VAL B 152 -25.78 -5.18 -14.90
CA VAL B 152 -24.83 -4.65 -13.94
C VAL B 152 -25.44 -3.40 -13.29
N ASP B 153 -25.69 -3.47 -11.98
CA ASP B 153 -26.28 -2.36 -11.24
C ASP B 153 -25.25 -1.33 -10.82
N ALA B 154 -24.06 -1.80 -10.45
CA ALA B 154 -23.01 -0.91 -9.99
C ALA B 154 -21.66 -1.56 -10.16
N ILE B 155 -20.61 -0.75 -10.18
CA ILE B 155 -19.25 -1.27 -10.35
C ILE B 155 -18.25 -0.47 -9.52
N GLY B 156 -17.18 -1.14 -9.10
CA GLY B 156 -16.13 -0.50 -8.31
C GLY B 156 -14.80 -1.18 -8.59
N PHE B 157 -13.70 -0.59 -8.12
CA PHE B 157 -12.39 -1.17 -8.38
C PHE B 157 -11.43 -1.23 -7.21
N HIS B 158 -10.62 -2.29 -7.18
CA HIS B 158 -9.57 -2.45 -6.17
C HIS B 158 -8.33 -1.86 -6.83
N LEU B 159 -7.59 -1.03 -6.10
CA LEU B 159 -6.40 -0.40 -6.67
C LEU B 159 -5.14 -0.77 -5.89
N SER B 160 -4.00 -0.80 -6.58
CA SER B 160 -2.72 -1.11 -5.95
C SER B 160 -1.56 -0.55 -6.74
N LEU B 161 -0.44 -0.36 -6.06
CA LEU B 161 0.79 0.11 -6.70
C LEU B 161 1.46 -1.13 -7.30
N THR C 8 12.17 -4.80 -7.43
CA THR C 8 13.38 -4.21 -6.79
C THR C 8 13.25 -2.69 -6.72
N GLN C 9 13.70 -2.11 -5.61
CA GLN C 9 13.62 -0.67 -5.43
C GLN C 9 14.69 0.03 -6.26
N THR C 10 14.30 1.10 -6.97
CA THR C 10 15.25 1.83 -7.80
C THR C 10 15.26 3.33 -7.54
N THR C 11 14.49 3.78 -6.55
CA THR C 11 14.44 5.20 -6.20
C THR C 11 14.17 5.36 -4.70
N GLY C 12 14.59 6.49 -4.13
CA GLY C 12 14.39 6.73 -2.72
C GLY C 12 13.11 7.45 -2.36
N THR C 13 12.28 7.73 -3.36
CA THR C 13 11.02 8.44 -3.14
C THR C 13 9.85 7.44 -3.12
N SER C 14 9.13 7.39 -2.01
CA SER C 14 7.99 6.48 -1.90
C SER C 14 6.85 7.02 -2.77
N GLN C 15 5.79 6.23 -2.92
CA GLN C 15 4.70 6.69 -3.75
C GLN C 15 3.33 6.29 -3.23
N THR C 16 2.29 6.86 -3.84
CA THR C 16 0.92 6.54 -3.48
C THR C 16 0.13 6.44 -4.77
N ILE C 17 -1.04 5.83 -4.68
CA ILE C 17 -1.92 5.71 -5.82
C ILE C 17 -2.41 7.14 -6.08
N GLU C 18 -2.62 7.47 -7.35
CA GLU C 18 -3.09 8.80 -7.72
C GLU C 18 -4.21 8.66 -8.76
N VAL C 19 -5.33 9.31 -8.51
CA VAL C 19 -6.46 9.28 -9.45
C VAL C 19 -6.78 10.70 -9.88
N GLY C 20 -7.31 10.83 -11.09
CA GLY C 20 -7.62 12.14 -11.64
C GLY C 20 -6.62 12.34 -12.77
N LEU C 21 -6.52 13.54 -13.32
CA LEU C 21 -7.31 14.70 -12.90
C LEU C 21 -8.66 14.79 -13.59
N TRP C 22 -9.57 15.53 -12.97
CA TRP C 22 -10.89 15.81 -13.51
C TRP C 22 -10.82 17.32 -13.72
N GLY C 23 -11.30 17.79 -14.87
CA GLY C 23 -11.27 19.22 -15.15
C GLY C 23 -10.60 19.51 -16.48
N GLY C 24 -10.21 20.77 -16.68
CA GLY C 24 -9.58 21.17 -17.92
C GLY C 24 -8.07 21.33 -17.85
N PRO C 25 -7.43 21.70 -18.96
CA PRO C 25 -5.98 21.90 -19.08
C PRO C 25 -5.45 23.30 -18.76
N GLY C 26 -6.34 24.24 -18.48
CA GLY C 26 -5.90 25.59 -18.19
C GLY C 26 -5.22 25.72 -16.84
N GLY C 27 -4.81 26.95 -16.51
CA GLY C 27 -4.16 27.20 -15.24
C GLY C 27 -2.76 26.61 -15.16
N ASN C 28 -2.22 26.57 -13.94
CA ASN C 28 -0.88 26.02 -13.69
C ASN C 28 -0.98 24.83 -12.75
N ALA C 29 -0.28 23.75 -13.09
CA ALA C 29 -0.30 22.53 -12.29
C ALA C 29 0.30 22.69 -10.89
N TRP C 30 -0.25 21.94 -9.95
CA TRP C 30 0.26 21.93 -8.59
C TRP C 30 -0.03 20.56 -8.00
N ASP C 31 0.74 20.19 -7.00
CA ASP C 31 0.60 18.89 -6.35
C ASP C 31 1.10 19.05 -4.92
N ASP C 32 0.20 18.92 -3.95
CA ASP C 32 0.58 19.08 -2.55
C ASP C 32 1.43 17.90 -2.07
N GLY C 33 1.30 16.77 -2.74
CA GLY C 33 2.04 15.59 -2.33
C GLY C 33 1.14 14.84 -1.38
N SER C 34 1.68 13.89 -0.63
CA SER C 34 0.86 13.09 0.28
C SER C 34 1.27 13.19 1.74
N TYR C 35 0.30 12.93 2.61
CA TYR C 35 0.49 13.00 4.05
C TYR C 35 -0.22 11.84 4.72
N THR C 36 -0.68 12.01 5.95
CA THR C 36 -1.36 10.91 6.62
C THR C 36 -2.84 11.15 6.88
N GLY C 37 -3.34 12.30 6.41
CA GLY C 37 -4.75 12.57 6.62
C GLY C 37 -5.13 14.01 6.31
N ILE C 38 -6.40 14.32 6.50
CA ILE C 38 -6.92 15.66 6.24
C ILE C 38 -7.57 16.21 7.50
N ARG C 39 -7.14 17.39 7.92
CA ARG C 39 -7.67 18.03 9.11
C ARG C 39 -8.68 19.12 8.75
N GLU C 40 -8.34 19.92 7.75
CA GLU C 40 -9.20 21.01 7.36
C GLU C 40 -9.11 21.32 5.87
N ILE C 41 -10.23 21.70 5.28
CA ILE C 41 -10.28 22.05 3.87
C ILE C 41 -10.80 23.49 3.74
N ASN C 42 -10.03 24.32 3.06
CA ASN C 42 -10.41 25.71 2.86
C ASN C 42 -10.60 25.98 1.38
N LEU C 43 -11.71 26.61 1.03
CA LEU C 43 -11.98 26.90 -0.36
C LEU C 43 -12.90 28.12 -0.50
N SER C 44 -13.01 28.63 -1.72
CA SER C 44 -13.91 29.76 -1.99
C SER C 44 -14.74 29.35 -3.18
N HIS C 45 -15.96 29.87 -3.28
CA HIS C 45 -16.81 29.51 -4.40
C HIS C 45 -17.83 30.57 -4.76
N GLY C 46 -18.20 30.58 -6.04
CA GLY C 46 -19.17 31.51 -6.57
C GLY C 46 -19.80 30.77 -7.75
N ASP C 47 -19.41 31.13 -8.96
CA ASP C 47 -19.92 30.44 -10.14
C ASP C 47 -18.99 29.28 -10.47
N ALA C 48 -18.00 29.07 -9.60
CA ALA C 48 -17.03 27.99 -9.72
C ALA C 48 -16.28 27.88 -8.39
N ILE C 49 -15.27 27.01 -8.32
CA ILE C 49 -14.48 26.87 -7.11
C ILE C 49 -13.22 27.71 -7.35
N GLY C 50 -12.98 28.70 -6.49
CA GLY C 50 -11.84 29.58 -6.67
C GLY C 50 -10.58 29.16 -5.93
N ALA C 51 -10.59 29.38 -4.61
CA ALA C 51 -9.46 29.02 -3.78
C ALA C 51 -9.60 27.60 -3.25
N PHE C 52 -8.47 26.94 -3.04
CA PHE C 52 -8.48 25.58 -2.49
C PHE C 52 -7.17 25.33 -1.76
N SER C 53 -7.27 25.14 -0.44
CA SER C 53 -6.11 24.88 0.41
C SER C 53 -6.47 23.84 1.45
N VAL C 54 -5.46 23.14 1.96
CA VAL C 54 -5.71 22.11 2.94
C VAL C 54 -4.75 22.12 4.12
N ILE C 55 -5.27 21.76 5.30
CA ILE C 55 -4.43 21.61 6.48
C ILE C 55 -4.45 20.10 6.61
N TYR C 56 -3.34 19.46 6.29
CA TYR C 56 -3.25 18.01 6.35
C TYR C 56 -2.80 17.55 7.72
N ASP C 57 -2.94 16.25 7.96
CA ASP C 57 -2.41 15.72 9.19
C ASP C 57 -1.10 15.08 8.75
N LEU C 58 -0.07 15.22 9.57
CA LEU C 58 1.21 14.60 9.28
C LEU C 58 1.64 13.92 10.55
N ASN C 59 1.25 12.65 10.68
CA ASN C 59 1.60 11.84 11.83
C ASN C 59 1.13 12.42 13.17
N GLY C 60 -0.13 12.86 13.21
CA GLY C 60 -0.67 13.38 14.47
C GLY C 60 -0.58 14.87 14.70
N GLN C 61 0.10 15.58 13.80
CA GLN C 61 0.22 17.03 13.92
C GLN C 61 -0.21 17.69 12.62
N PRO C 62 -0.76 18.90 12.72
CA PRO C 62 -1.21 19.62 11.52
C PRO C 62 -0.03 20.02 10.64
N PHE C 63 -0.25 20.04 9.32
CA PHE C 63 0.77 20.47 8.39
C PHE C 63 0.04 21.31 7.35
N THR C 64 0.46 22.56 7.24
CA THR C 64 -0.17 23.49 6.31
C THR C 64 0.24 23.20 4.88
N GLY C 65 -0.73 22.82 4.06
CA GLY C 65 -0.43 22.51 2.68
C GLY C 65 -0.18 23.76 1.86
N PRO C 66 0.40 23.61 0.66
CA PRO C 66 0.67 24.77 -0.20
C PRO C 66 -0.66 25.45 -0.49
N THR C 67 -0.65 26.76 -0.72
CA THR C 67 -1.88 27.48 -1.01
C THR C 67 -2.14 27.57 -2.51
N HIS C 68 -3.43 27.60 -2.86
CA HIS C 68 -3.88 27.70 -4.25
C HIS C 68 -5.10 28.62 -4.17
N PRO C 69 -4.87 29.91 -3.87
CA PRO C 69 -5.92 30.92 -3.74
C PRO C 69 -6.68 31.32 -4.99
N GLY C 70 -6.09 31.10 -6.16
CA GLY C 70 -6.76 31.54 -7.38
C GLY C 70 -6.83 33.05 -7.19
N ASN C 71 -7.87 33.70 -7.70
CA ASN C 71 -7.99 35.14 -7.55
C ASN C 71 -9.41 35.60 -7.82
N GLU C 72 -10.31 35.34 -6.86
CA GLU C 72 -11.71 35.71 -6.98
C GLU C 72 -12.18 36.43 -5.72
N PRO C 73 -12.06 37.77 -5.71
CA PRO C 73 -12.46 38.60 -4.57
C PRO C 73 -13.93 38.45 -4.13
N SER C 74 -14.82 38.16 -5.07
CA SER C 74 -16.24 38.05 -4.72
C SER C 74 -16.70 36.69 -4.18
N PHE C 75 -15.88 35.66 -4.37
CA PHE C 75 -16.24 34.32 -3.91
C PHE C 75 -16.36 34.19 -2.39
N LYS C 76 -17.36 33.46 -1.93
CA LYS C 76 -17.52 33.26 -0.49
C LYS C 76 -16.54 32.18 -0.05
N THR C 77 -15.95 32.39 1.11
CA THR C 77 -14.98 31.44 1.63
C THR C 77 -15.59 30.45 2.62
N VAL C 78 -15.13 29.22 2.54
CA VAL C 78 -15.62 28.16 3.40
C VAL C 78 -14.45 27.48 4.11
N LYS C 79 -14.63 27.18 5.39
CA LYS C 79 -13.58 26.50 6.16
C LYS C 79 -14.20 25.23 6.73
N ILE C 80 -13.83 24.09 6.17
CA ILE C 80 -14.33 22.81 6.64
C ILE C 80 -13.34 22.20 7.62
N THR C 81 -13.68 22.25 8.90
CA THR C 81 -12.81 21.70 9.93
C THR C 81 -13.35 20.34 10.32
N LEU C 82 -12.65 19.29 9.90
CA LEU C 82 -13.09 17.93 10.19
C LEU C 82 -12.71 17.52 11.60
N ASP C 83 -13.53 16.64 12.18
CA ASP C 83 -13.28 16.13 13.52
C ASP C 83 -12.29 14.96 13.33
N PHE C 84 -11.08 15.30 12.93
CA PHE C 84 -10.01 14.34 12.70
C PHE C 84 -9.54 13.75 14.04
N PRO C 85 -9.22 12.44 14.08
CA PRO C 85 -9.27 11.46 12.99
C PRO C 85 -10.58 10.68 12.83
N ASN C 86 -11.54 10.88 13.73
CA ASN C 86 -12.80 10.16 13.63
C ASN C 86 -13.59 10.46 12.37
N GLU C 87 -13.44 11.67 11.85
CA GLU C 87 -14.16 12.09 10.64
C GLU C 87 -13.20 12.13 9.46
N PHE C 88 -13.63 11.57 8.35
CA PHE C 88 -12.81 11.53 7.14
C PHE C 88 -13.68 11.40 5.89
N LEU C 89 -13.17 11.87 4.77
CA LEU C 89 -13.91 11.81 3.51
C LEU C 89 -14.15 10.39 3.01
N VAL C 90 -15.37 10.15 2.51
CA VAL C 90 -15.74 8.86 1.95
C VAL C 90 -16.15 9.10 0.49
N SER C 91 -16.16 10.36 0.10
CA SER C 91 -16.50 10.74 -1.26
C SER C 91 -16.27 12.22 -1.55
N VAL C 92 -15.81 12.48 -2.77
CA VAL C 92 -15.60 13.84 -3.25
C VAL C 92 -16.22 13.80 -4.64
N SER C 93 -17.07 14.75 -4.94
CA SER C 93 -17.72 14.80 -6.24
C SER C 93 -17.87 16.24 -6.67
N GLY C 94 -18.32 16.45 -7.91
CA GLY C 94 -18.50 17.80 -8.39
C GLY C 94 -18.87 17.87 -9.85
N TYR C 95 -18.68 19.05 -10.44
CA TYR C 95 -18.99 19.28 -11.84
C TYR C 95 -17.82 19.98 -12.53
N THR C 96 -17.56 19.60 -13.78
CA THR C 96 -16.51 20.22 -14.57
C THR C 96 -17.17 20.82 -15.79
N GLY C 97 -16.68 21.97 -16.24
CA GLY C 97 -17.27 22.60 -17.42
C GLY C 97 -16.74 23.99 -17.64
N VAL C 98 -17.06 24.55 -18.81
CA VAL C 98 -16.61 25.88 -19.17
C VAL C 98 -17.31 26.96 -18.37
N LEU C 99 -16.55 27.98 -17.98
CA LEU C 99 -17.10 29.12 -17.26
C LEU C 99 -16.98 30.28 -18.25
N ALA C 100 -18.10 30.63 -18.86
CA ALA C 100 -18.17 31.69 -19.87
C ALA C 100 -17.27 32.91 -19.68
N ARG C 101 -17.40 33.58 -18.54
CA ARG C 101 -16.62 34.80 -18.28
C ARG C 101 -15.11 34.68 -18.33
N LEU C 102 -14.57 33.48 -18.14
CA LEU C 102 -13.13 33.30 -18.17
C LEU C 102 -12.59 33.51 -19.59
N ALA C 103 -13.49 33.33 -20.56
CA ALA C 103 -13.15 33.49 -21.97
C ALA C 103 -12.06 32.52 -22.45
N THR C 104 -11.96 31.37 -21.82
CA THR C 104 -10.95 30.38 -22.21
C THR C 104 -11.54 29.25 -23.05
N GLY C 105 -12.80 28.93 -22.80
CA GLY C 105 -13.43 27.84 -23.52
C GLY C 105 -12.98 26.48 -23.00
N LYS C 106 -12.28 26.47 -21.87
CA LYS C 106 -11.78 25.22 -21.28
C LYS C 106 -12.50 24.89 -19.98
N ASP C 107 -12.62 23.60 -19.67
CA ASP C 107 -13.31 23.18 -18.45
C ASP C 107 -12.53 23.55 -17.18
N VAL C 108 -13.30 23.85 -16.14
CA VAL C 108 -12.74 24.18 -14.83
C VAL C 108 -13.65 23.47 -13.84
N ILE C 109 -13.30 23.51 -12.55
CA ILE C 109 -14.14 22.87 -11.54
C ILE C 109 -15.25 23.83 -11.16
N ARG C 110 -16.44 23.56 -11.67
CA ARG C 110 -17.61 24.40 -11.41
C ARG C 110 -18.19 24.19 -10.02
N SER C 111 -18.13 22.95 -9.53
CA SER C 111 -18.68 22.65 -8.22
C SER C 111 -17.92 21.51 -7.52
N LEU C 112 -18.07 21.46 -6.20
CA LEU C 112 -17.42 20.44 -5.40
C LEU C 112 -18.31 20.12 -4.20
N THR C 113 -18.38 18.83 -3.87
CA THR C 113 -19.15 18.37 -2.72
C THR C 113 -18.25 17.41 -1.96
N PHE C 114 -18.19 17.58 -0.64
CA PHE C 114 -17.37 16.70 0.19
C PHE C 114 -18.23 15.94 1.16
N LYS C 115 -18.16 14.62 1.09
CA LYS C 115 -18.94 13.78 1.98
C LYS C 115 -18.04 12.98 2.89
N THR C 116 -18.19 13.17 4.20
CA THR C 116 -17.41 12.43 5.17
C THR C 116 -18.33 11.35 5.75
N ASN C 117 -17.80 10.56 6.67
CA ASN C 117 -18.59 9.51 7.30
C ASN C 117 -19.56 10.12 8.33
N LYS C 118 -19.45 11.43 8.54
CA LYS C 118 -20.31 12.12 9.51
C LYS C 118 -21.38 12.99 8.87
N LYS C 119 -21.01 13.75 7.83
CA LYS C 119 -21.97 14.62 7.17
C LYS C 119 -21.50 15.01 5.77
N THR C 120 -22.31 15.81 5.10
CA THR C 120 -22.00 16.27 3.75
C THR C 120 -21.75 17.77 3.75
N TYR C 121 -20.68 18.19 3.09
CA TYR C 121 -20.34 19.60 2.99
C TYR C 121 -20.50 20.02 1.53
N GLY C 122 -21.34 21.02 1.30
CA GLY C 122 -21.58 21.47 -0.06
C GLY C 122 -22.99 21.08 -0.49
N PRO C 123 -23.31 21.13 -1.80
CA PRO C 123 -22.43 21.53 -2.90
C PRO C 123 -21.96 22.98 -2.85
N TYR C 124 -20.74 23.22 -3.30
CA TYR C 124 -20.16 24.55 -3.36
C TYR C 124 -19.99 24.89 -4.83
N GLY C 125 -20.21 26.16 -5.18
CA GLY C 125 -20.09 26.58 -6.55
C GLY C 125 -21.40 26.38 -7.29
N LYS C 126 -21.32 26.05 -8.57
CA LYS C 126 -22.52 25.83 -9.37
C LYS C 126 -22.48 24.47 -10.03
N GLU C 127 -23.52 23.68 -9.80
CA GLU C 127 -23.58 22.34 -10.36
C GLU C 127 -24.05 22.39 -11.81
N GLU C 128 -23.14 22.79 -12.67
CA GLU C 128 -23.41 22.89 -14.10
C GLU C 128 -22.25 22.26 -14.86
N GLY C 129 -22.57 21.55 -15.93
CA GLY C 129 -21.55 20.91 -16.72
C GLY C 129 -21.60 19.40 -16.59
N THR C 130 -20.43 18.77 -16.61
CA THR C 130 -20.34 17.32 -16.50
C THR C 130 -19.96 16.88 -15.10
N PRO C 131 -20.80 16.05 -14.46
CA PRO C 131 -20.48 15.59 -13.11
C PRO C 131 -19.35 14.58 -13.08
N PHE C 132 -18.78 14.41 -11.89
CA PHE C 132 -17.69 13.46 -11.66
C PHE C 132 -17.76 13.14 -10.18
N SER C 133 -17.30 11.97 -9.79
CA SER C 133 -17.35 11.60 -8.39
C SER C 133 -16.36 10.50 -8.04
N LEU C 134 -15.87 10.55 -6.81
CA LEU C 134 -14.95 9.54 -6.34
C LEU C 134 -15.41 8.99 -4.99
N PRO C 135 -16.29 7.97 -5.03
CA PRO C 135 -16.79 7.37 -3.79
C PRO C 135 -15.63 6.47 -3.36
N ILE C 136 -15.42 6.34 -2.05
CA ILE C 136 -14.34 5.50 -1.56
C ILE C 136 -14.89 4.49 -0.57
N GLU C 137 -14.58 3.21 -0.79
CA GLU C 137 -15.04 2.15 0.11
C GLU C 137 -13.96 1.74 1.09
N ASN C 138 -12.70 1.82 0.68
CA ASN C 138 -11.59 1.45 1.55
C ASN C 138 -10.38 2.29 1.18
N GLY C 139 -9.81 2.95 2.17
CA GLY C 139 -8.65 3.79 1.93
C GLY C 139 -8.99 5.24 2.23
N LEU C 140 -8.02 6.13 2.03
CA LEU C 140 -8.21 7.54 2.32
C LEU C 140 -7.53 8.45 1.31
N ILE C 141 -8.05 9.67 1.19
CA ILE C 141 -7.44 10.66 0.33
C ILE C 141 -6.38 11.24 1.28
N VAL C 142 -5.11 11.20 0.87
CA VAL C 142 -4.03 11.71 1.72
C VAL C 142 -3.30 12.87 1.07
N GLY C 143 -3.83 13.37 -0.03
CA GLY C 143 -3.20 14.48 -0.71
C GLY C 143 -4.01 14.93 -1.91
N PHE C 144 -3.90 16.21 -2.24
CA PHE C 144 -4.61 16.78 -3.37
C PHE C 144 -3.61 17.30 -4.39
N LYS C 145 -4.06 17.34 -5.64
CA LYS C 145 -3.26 17.87 -6.73
C LYS C 145 -4.26 18.46 -7.72
N GLY C 146 -3.79 19.26 -8.66
CA GLY C 146 -4.69 19.85 -9.63
C GLY C 146 -4.02 20.94 -10.46
N ARG C 147 -4.84 21.87 -10.95
CA ARG C 147 -4.37 23.00 -11.74
C ARG C 147 -5.22 24.21 -11.37
N SER C 148 -4.58 25.37 -11.24
CA SER C 148 -5.31 26.59 -10.87
C SER C 148 -4.82 27.81 -11.62
N GLY C 149 -5.77 28.71 -11.90
CA GLY C 149 -5.49 29.97 -12.56
C GLY C 149 -6.25 30.97 -11.70
N PHE C 150 -7.35 31.53 -12.20
CA PHE C 150 -8.15 32.43 -11.39
C PHE C 150 -9.01 31.54 -10.49
N VAL C 151 -9.26 30.32 -10.95
CA VAL C 151 -10.05 29.35 -10.20
C VAL C 151 -9.41 27.98 -10.30
N VAL C 152 -10.06 26.97 -9.74
CA VAL C 152 -9.53 25.61 -9.80
C VAL C 152 -9.90 25.02 -11.17
N ASP C 153 -8.90 24.81 -12.01
CA ASP C 153 -9.09 24.24 -13.34
C ASP C 153 -9.32 22.74 -13.30
N ALA C 154 -8.58 22.06 -12.43
CA ALA C 154 -8.68 20.61 -12.31
C ALA C 154 -8.29 20.17 -10.91
N ILE C 155 -8.63 18.93 -10.57
CA ILE C 155 -8.31 18.40 -9.25
C ILE C 155 -8.13 16.88 -9.33
N GLY C 156 -7.26 16.39 -8.46
CA GLY C 156 -6.96 14.96 -8.41
C GLY C 156 -6.63 14.58 -6.98
N PHE C 157 -6.50 13.28 -6.71
CA PHE C 157 -6.22 12.85 -5.35
C PHE C 157 -5.16 11.75 -5.21
N HIS C 158 -4.48 11.76 -4.06
CA HIS C 158 -3.49 10.75 -3.73
C HIS C 158 -4.24 9.88 -2.73
N LEU C 159 -4.20 8.57 -2.93
CA LEU C 159 -4.92 7.66 -2.05
C LEU C 159 -3.96 6.70 -1.34
N SER C 160 -4.37 6.27 -0.16
CA SER C 160 -3.57 5.34 0.63
C SER C 160 -4.44 4.60 1.64
N LEU C 161 -3.98 3.44 2.07
CA LEU C 161 -4.68 2.66 3.08
C LEU C 161 -4.27 3.26 4.42
N THR D 8 -13.45 -1.48 4.20
CA THR D 8 -14.22 -0.45 4.95
C THR D 8 -13.29 0.44 5.77
N GLN D 9 -13.30 1.73 5.52
CA GLN D 9 -12.45 2.66 6.25
C GLN D 9 -13.10 3.01 7.59
N THR D 10 -12.31 3.04 8.65
CA THR D 10 -12.86 3.35 9.97
C THR D 10 -12.09 4.41 10.74
N THR D 11 -11.01 4.92 10.16
CA THR D 11 -10.23 5.96 10.81
C THR D 11 -9.69 6.93 9.77
N GLY D 12 -9.41 8.15 10.21
CA GLY D 12 -8.89 9.16 9.30
C GLY D 12 -7.38 9.15 9.12
N THR D 13 -6.69 8.29 9.85
CA THR D 13 -5.23 8.22 9.75
C THR D 13 -4.76 7.10 8.81
N SER D 14 -3.98 7.46 7.81
CA SER D 14 -3.47 6.48 6.86
C SER D 14 -2.47 5.57 7.59
N GLN D 15 -2.05 4.50 6.94
CA GLN D 15 -1.12 3.59 7.60
C GLN D 15 -0.09 3.02 6.65
N THR D 16 0.95 2.42 7.22
CA THR D 16 2.01 1.80 6.46
C THR D 16 2.33 0.49 7.12
N ILE D 17 3.03 -0.39 6.40
CA ILE D 17 3.45 -1.65 6.96
C ILE D 17 4.46 -1.28 8.03
N GLU D 18 4.45 -2.00 9.15
CA GLU D 18 5.38 -1.73 10.24
C GLU D 18 6.04 -3.03 10.71
N VAL D 19 7.37 -3.07 10.68
CA VAL D 19 8.10 -4.25 11.14
C VAL D 19 8.96 -3.88 12.36
N GLY D 20 9.19 -4.87 13.22
CA GLY D 20 9.93 -4.63 14.44
C GLY D 20 8.89 -4.77 15.53
N LEU D 21 9.19 -4.37 16.77
CA LEU D 21 10.47 -3.80 17.14
C LEU D 21 11.52 -4.86 17.48
N TRP D 22 12.78 -4.47 17.37
CA TRP D 22 13.91 -5.31 17.73
C TRP D 22 14.50 -4.59 18.94
N GLY D 23 14.82 -5.32 19.99
CA GLY D 23 15.37 -4.68 21.18
C GLY D 23 14.55 -4.99 22.41
N GLY D 24 14.74 -4.20 23.47
CA GLY D 24 14.03 -4.44 24.72
C GLY D 24 12.82 -3.57 25.02
N PRO D 25 12.12 -3.85 26.13
CA PRO D 25 10.93 -3.12 26.57
C PRO D 25 11.20 -1.88 27.43
N GLY D 26 12.47 -1.57 27.64
CA GLY D 26 12.80 -0.41 28.45
C GLY D 26 12.63 0.92 27.72
N GLY D 27 12.90 2.01 28.42
CA GLY D 27 12.78 3.33 27.82
C GLY D 27 11.34 3.72 27.54
N ASN D 28 11.16 4.71 26.69
CA ASN D 28 9.82 5.18 26.35
C ASN D 28 9.58 5.06 24.84
N ALA D 29 8.37 4.64 24.48
CA ALA D 29 8.01 4.47 23.08
C ALA D 29 7.94 5.76 22.30
N TRP D 30 8.33 5.70 21.03
CA TRP D 30 8.26 6.83 20.13
C TRP D 30 8.03 6.31 18.72
N ASP D 31 7.39 7.12 17.89
CA ASP D 31 7.08 6.75 16.52
C ASP D 31 7.09 8.02 15.68
N ASP D 32 8.05 8.15 14.78
CA ASP D 32 8.14 9.34 13.93
C ASP D 32 6.99 9.38 12.93
N GLY D 33 6.39 8.24 12.66
CA GLY D 33 5.32 8.19 11.69
C GLY D 33 5.96 7.92 10.34
N SER D 34 5.25 8.21 9.25
CA SER D 34 5.81 7.95 7.92
C SER D 34 5.95 9.20 7.05
N TYR D 35 6.87 9.13 6.10
CA TYR D 35 7.13 10.26 5.20
C TYR D 35 7.35 9.77 3.76
N THR D 36 8.04 10.56 2.94
CA THR D 36 8.30 10.20 1.56
C THR D 36 9.65 9.51 1.37
N GLY D 37 10.55 9.69 2.33
CA GLY D 37 11.86 9.08 2.23
C GLY D 37 12.80 9.54 3.31
N ILE D 38 14.08 9.18 3.20
CA ILE D 38 15.08 9.54 4.19
C ILE D 38 16.21 10.35 3.56
N ARG D 39 16.49 11.52 4.13
CA ARG D 39 17.55 12.39 3.62
C ARG D 39 18.81 12.33 4.48
N GLU D 40 18.63 12.25 5.79
CA GLU D 40 19.77 12.23 6.69
C GLU D 40 19.46 11.58 8.03
N ILE D 41 20.46 10.89 8.59
CA ILE D 41 20.32 10.24 9.88
C ILE D 41 21.42 10.72 10.81
N ASN D 42 21.03 11.18 12.00
CA ASN D 42 22.00 11.64 12.99
C ASN D 42 21.90 10.77 14.22
N LEU D 43 23.02 10.18 14.63
CA LEU D 43 23.02 9.30 15.80
C LEU D 43 24.33 9.45 16.56
N SER D 44 24.40 8.81 17.72
CA SER D 44 25.62 8.83 18.51
C SER D 44 25.85 7.39 18.93
N HIS D 45 27.12 7.01 19.09
CA HIS D 45 27.43 5.65 19.47
C HIS D 45 28.71 5.53 20.29
N GLY D 46 28.80 4.47 21.07
CA GLY D 46 29.96 4.20 21.90
C GLY D 46 29.89 2.71 22.18
N ASP D 47 29.39 2.36 23.36
CA ASP D 47 29.23 0.94 23.69
C ASP D 47 27.80 0.52 23.32
N ALA D 48 27.05 1.46 22.77
CA ALA D 48 25.67 1.23 22.30
C ALA D 48 25.26 2.42 21.43
N ILE D 49 23.99 2.47 21.02
CA ILE D 49 23.50 3.57 20.20
C ILE D 49 22.76 4.52 21.14
N GLY D 50 23.20 5.78 21.20
CA GLY D 50 22.58 6.73 22.10
C GLY D 50 21.48 7.60 21.51
N ALA D 51 21.89 8.65 20.81
CA ALA D 51 20.94 9.55 20.18
C ALA D 51 20.54 9.02 18.80
N PHE D 52 19.34 9.37 18.35
CA PHE D 52 18.87 8.95 17.03
C PHE D 52 17.77 9.89 16.55
N SER D 53 18.03 10.60 15.46
CA SER D 53 17.06 11.53 14.89
C SER D 53 17.25 11.52 13.38
N VAL D 54 16.18 11.80 12.66
CA VAL D 54 16.23 11.75 11.21
C VAL D 54 15.68 12.98 10.50
N ILE D 55 16.23 13.26 9.33
CA ILE D 55 15.74 14.34 8.50
C ILE D 55 15.10 13.56 7.36
N TYR D 56 13.78 13.58 7.32
CA TYR D 56 13.06 12.84 6.29
C TYR D 56 12.82 13.69 5.08
N ASP D 57 12.35 13.07 4.02
CA ASP D 57 11.97 13.82 2.85
C ASP D 57 10.45 13.84 2.94
N LEU D 58 9.86 14.99 2.65
CA LEU D 58 8.42 15.12 2.67
C LEU D 58 8.03 15.79 1.36
N ASN D 59 7.70 14.96 0.38
CA ASN D 59 7.29 15.43 -0.94
C ASN D 59 8.34 16.31 -1.61
N GLY D 60 9.60 15.89 -1.56
CA GLY D 60 10.66 16.64 -2.20
C GLY D 60 11.37 17.70 -1.37
N GLN D 61 10.90 17.92 -0.14
CA GLN D 61 11.54 18.91 0.72
C GLN D 61 11.88 18.26 2.06
N PRO D 62 13.01 18.64 2.65
CA PRO D 62 13.38 18.03 3.94
C PRO D 62 12.40 18.36 5.06
N PHE D 63 12.26 17.44 6.01
CA PHE D 63 11.38 17.64 7.16
C PHE D 63 12.12 17.06 8.35
N THR D 64 12.37 17.90 9.35
CA THR D 64 13.08 17.47 10.54
C THR D 64 12.17 16.64 11.43
N GLY D 65 12.53 15.37 11.62
CA GLY D 65 11.72 14.50 12.45
C GLY D 65 11.92 14.71 13.93
N PRO D 66 11.07 14.11 14.77
CA PRO D 66 11.20 14.25 16.23
C PRO D 66 12.59 13.79 16.66
N THR D 67 13.17 14.45 17.64
CA THR D 67 14.49 14.06 18.11
C THR D 67 14.38 13.04 19.25
N HIS D 68 15.39 12.17 19.36
CA HIS D 68 15.45 11.16 20.39
C HIS D 68 16.91 11.19 20.84
N PRO D 69 17.29 12.28 21.53
CA PRO D 69 18.64 12.53 22.06
C PRO D 69 19.26 11.52 23.01
N GLY D 70 18.45 10.74 23.70
CA GLY D 70 19.03 9.79 24.66
C GLY D 70 19.74 10.58 25.74
N ASN D 71 20.63 9.96 26.48
CA ASN D 71 21.36 10.65 27.55
C ASN D 71 22.77 10.09 27.75
N GLU D 72 23.53 9.96 26.66
CA GLU D 72 24.91 9.46 26.70
C GLU D 72 25.77 10.53 26.04
N PRO D 73 26.10 11.60 26.77
CA PRO D 73 26.92 12.71 26.27
C PRO D 73 28.35 12.37 25.84
N SER D 74 28.85 11.22 26.26
CA SER D 74 30.20 10.81 25.92
C SER D 74 30.33 10.19 24.54
N PHE D 75 29.21 9.82 23.94
CA PHE D 75 29.20 9.15 22.63
C PHE D 75 29.68 9.95 21.44
N LYS D 76 30.20 9.22 20.45
CA LYS D 76 30.68 9.80 19.20
C LYS D 76 29.45 10.15 18.36
N THR D 77 29.33 11.41 17.94
CA THR D 77 28.19 11.82 17.13
C THR D 77 28.48 11.59 15.65
N VAL D 78 27.48 11.12 14.92
CA VAL D 78 27.63 10.84 13.50
C VAL D 78 26.47 11.36 12.67
N LYS D 79 26.79 11.91 11.50
CA LYS D 79 25.78 12.43 10.60
C LYS D 79 25.89 11.65 9.30
N ILE D 80 24.81 10.98 8.92
CA ILE D 80 24.78 10.21 7.68
C ILE D 80 23.89 10.99 6.72
N THR D 81 24.52 11.66 5.75
CA THR D 81 23.80 12.44 4.77
C THR D 81 23.70 11.65 3.47
N LEU D 82 22.49 11.17 3.17
CA LEU D 82 22.28 10.38 1.96
C LEU D 82 22.09 11.23 0.71
N ASP D 83 22.55 10.71 -0.42
CA ASP D 83 22.40 11.42 -1.69
C ASP D 83 20.97 11.14 -2.19
N PHE D 84 20.00 11.69 -1.47
CA PHE D 84 18.59 11.53 -1.80
C PHE D 84 18.24 12.27 -3.10
N PRO D 85 17.39 11.68 -3.95
CA PRO D 85 16.73 10.38 -3.82
C PRO D 85 17.44 9.19 -4.47
N ASN D 86 18.56 9.42 -5.13
CA ASN D 86 19.28 8.32 -5.78
C ASN D 86 19.83 7.29 -4.82
N GLU D 87 20.17 7.72 -3.60
CA GLU D 87 20.69 6.79 -2.59
C GLU D 87 19.61 6.52 -1.54
N PHE D 88 19.40 5.25 -1.23
CA PHE D 88 18.39 4.87 -0.25
C PHE D 88 18.78 3.56 0.43
N LEU D 89 18.25 3.35 1.63
CA LEU D 89 18.55 2.16 2.40
C LEU D 89 18.00 0.88 1.77
N VAL D 90 18.83 -0.16 1.74
CA VAL D 90 18.42 -1.44 1.21
C VAL D 90 18.53 -2.46 2.34
N SER D 91 19.06 -2.01 3.47
CA SER D 91 19.21 -2.86 4.64
C SER D 91 19.63 -2.13 5.90
N VAL D 92 19.07 -2.57 7.02
CA VAL D 92 19.42 -2.03 8.32
C VAL D 92 19.63 -3.27 9.19
N SER D 93 20.71 -3.30 9.93
CA SER D 93 21.01 -4.42 10.80
C SER D 93 21.67 -3.92 12.06
N GLY D 94 21.92 -4.82 13.00
CA GLY D 94 22.55 -4.41 14.24
C GLY D 94 22.56 -5.52 15.27
N TYR D 95 22.75 -5.13 16.52
CA TYR D 95 22.79 -6.07 17.63
C TYR D 95 21.96 -5.56 18.78
N THR D 96 21.29 -6.47 19.48
CA THR D 96 20.49 -6.11 20.64
C THR D 96 21.06 -6.90 21.80
N GLY D 97 21.01 -6.32 22.99
CA GLY D 97 21.54 -7.01 24.16
C GLY D 97 21.61 -6.11 25.37
N VAL D 98 21.85 -6.72 26.53
CA VAL D 98 21.95 -5.96 27.76
C VAL D 98 23.28 -5.20 27.85
N LEU D 99 23.22 -3.96 28.30
CA LEU D 99 24.41 -3.14 28.50
C LEU D 99 24.48 -3.05 30.02
N ALA D 100 25.37 -3.85 30.61
CA ALA D 100 25.52 -3.93 32.07
C ALA D 100 25.41 -2.61 32.84
N ARG D 101 26.19 -1.61 32.45
CA ARG D 101 26.17 -0.33 33.16
C ARG D 101 24.83 0.37 33.28
N LEU D 102 23.85 -0.02 32.47
CA LEU D 102 22.54 0.61 32.55
C LEU D 102 21.73 0.10 33.74
N ALA D 103 22.14 -1.04 34.28
CA ALA D 103 21.48 -1.64 35.43
C ALA D 103 19.99 -1.88 35.23
N THR D 104 19.63 -2.38 34.06
CA THR D 104 18.22 -2.65 33.77
C THR D 104 17.99 -4.14 33.50
N GLY D 105 19.02 -4.81 33.01
CA GLY D 105 18.89 -6.22 32.70
C GLY D 105 18.06 -6.43 31.43
N LYS D 106 17.68 -5.34 30.76
CA LYS D 106 16.89 -5.42 29.54
C LYS D 106 17.71 -5.09 28.29
N ASP D 107 17.36 -5.73 27.17
CA ASP D 107 18.07 -5.51 25.91
C ASP D 107 17.91 -4.09 25.37
N VAL D 108 18.98 -3.58 24.77
CA VAL D 108 18.96 -2.27 24.15
C VAL D 108 19.66 -2.45 22.79
N ILE D 109 19.69 -1.39 22.00
CA ILE D 109 20.34 -1.47 20.70
C ILE D 109 21.84 -1.22 20.92
N ARG D 110 22.62 -2.30 20.88
CA ARG D 110 24.06 -2.21 21.10
C ARG D 110 24.78 -1.70 19.84
N SER D 111 24.27 -2.08 18.67
CA SER D 111 24.89 -1.67 17.42
C SER D 111 23.90 -1.51 16.27
N LEU D 112 24.30 -0.71 15.28
CA LEU D 112 23.47 -0.46 14.11
C LEU D 112 24.39 -0.32 12.90
N THR D 113 23.91 -0.82 11.75
CA THR D 113 24.64 -0.71 10.49
C THR D 113 23.59 -0.32 9.45
N PHE D 114 23.91 0.67 8.61
CA PHE D 114 23.00 1.12 7.58
C PHE D 114 23.61 0.91 6.20
N LYS D 115 22.94 0.12 5.37
CA LYS D 115 23.44 -0.15 4.03
C LYS D 115 22.50 0.39 2.96
N THR D 116 23.02 1.29 2.13
CA THR D 116 22.23 1.86 1.06
C THR D 116 22.68 1.18 -0.22
N ASN D 117 22.09 1.56 -1.35
CA ASN D 117 22.46 0.98 -2.62
C ASN D 117 23.81 1.53 -3.08
N LYS D 118 24.37 2.49 -2.33
CA LYS D 118 25.65 3.10 -2.67
C LYS D 118 26.81 2.66 -1.77
N LYS D 119 26.56 2.57 -0.47
CA LYS D 119 27.61 2.15 0.45
C LYS D 119 27.07 1.71 1.80
N THR D 120 27.97 1.37 2.70
CA THR D 120 27.61 0.92 4.04
C THR D 120 28.09 1.91 5.09
N TYR D 121 27.19 2.24 6.02
CA TYR D 121 27.52 3.15 7.10
C TYR D 121 27.51 2.36 8.40
N GLY D 122 28.66 2.36 9.09
CA GLY D 122 28.79 1.63 10.32
C GLY D 122 29.82 0.54 10.18
N PRO D 123 29.86 -0.45 11.08
CA PRO D 123 28.96 -0.60 12.24
C PRO D 123 29.17 0.42 13.35
N TYR D 124 28.08 0.95 13.90
CA TYR D 124 28.14 1.91 14.99
C TYR D 124 27.87 1.17 16.29
N GLY D 125 28.49 1.61 17.37
CA GLY D 125 28.28 0.97 18.66
C GLY D 125 29.14 -0.28 18.83
N LYS D 126 28.67 -1.21 19.65
CA LYS D 126 29.39 -2.45 19.91
C LYS D 126 28.61 -3.63 19.37
N GLU D 127 29.24 -4.43 18.52
CA GLU D 127 28.57 -5.60 17.95
C GLU D 127 28.63 -6.78 18.91
N GLU D 128 27.80 -6.74 19.94
CA GLU D 128 27.72 -7.80 20.94
C GLU D 128 26.25 -8.06 21.23
N GLY D 129 25.92 -9.31 21.49
CA GLY D 129 24.54 -9.66 21.78
C GLY D 129 23.93 -10.46 20.66
N THR D 130 22.65 -10.22 20.39
CA THR D 130 21.95 -10.94 19.34
C THR D 130 21.79 -10.08 18.09
N PRO D 131 22.26 -10.57 16.94
CA PRO D 131 22.11 -9.77 15.74
C PRO D 131 20.69 -9.80 15.19
N PHE D 132 20.38 -8.82 14.35
CA PHE D 132 19.08 -8.74 13.69
C PHE D 132 19.37 -8.00 12.38
N SER D 133 18.54 -8.21 11.38
CA SER D 133 18.77 -7.56 10.10
C SER D 133 17.50 -7.49 9.29
N LEU D 134 17.33 -6.39 8.55
CA LEU D 134 16.18 -6.22 7.71
C LEU D 134 16.59 -5.83 6.29
N PRO D 135 16.93 -6.84 5.47
CA PRO D 135 17.33 -6.54 4.09
C PRO D 135 16.02 -6.29 3.32
N ILE D 136 16.04 -5.34 2.41
CA ILE D 136 14.85 -4.98 1.63
C ILE D 136 15.08 -5.18 0.14
N GLU D 137 14.16 -5.89 -0.51
CA GLU D 137 14.26 -6.14 -1.94
C GLU D 137 13.37 -5.18 -2.74
N ASN D 138 12.20 -4.87 -2.19
CA ASN D 138 11.27 -3.97 -2.85
C ASN D 138 10.55 -3.12 -1.81
N GLY D 139 10.55 -1.80 -2.02
CA GLY D 139 9.92 -0.92 -1.06
C GLY D 139 10.97 -0.10 -0.37
N LEU D 140 10.54 0.78 0.52
CA LEU D 140 11.44 1.68 1.23
C LEU D 140 11.08 1.89 2.69
N ILE D 141 12.09 2.23 3.49
CA ILE D 141 11.85 2.56 4.89
C ILE D 141 11.43 4.03 4.78
N VAL D 142 10.23 4.35 5.26
CA VAL D 142 9.74 5.72 5.17
C VAL D 142 9.49 6.34 6.54
N GLY D 143 9.92 5.63 7.58
CA GLY D 143 9.74 6.13 8.93
C GLY D 143 10.35 5.21 9.97
N PHE D 144 10.83 5.81 11.06
CA PHE D 144 11.42 5.05 12.15
C PHE D 144 10.55 5.13 13.40
N LYS D 145 10.61 4.09 14.22
CA LYS D 145 9.90 4.04 15.48
C LYS D 145 10.79 3.22 16.40
N GLY D 146 10.49 3.24 17.70
CA GLY D 146 11.29 2.48 18.62
C GLY D 146 11.00 2.86 20.06
N ARG D 147 12.03 2.72 20.91
CA ARG D 147 11.92 3.06 22.32
C ARG D 147 13.28 3.61 22.74
N SER D 148 13.27 4.71 23.49
CA SER D 148 14.52 5.31 23.95
C SER D 148 14.43 5.80 25.38
N GLY D 149 15.57 5.72 26.08
CA GLY D 149 15.69 6.19 27.45
C GLY D 149 17.03 6.92 27.41
N PHE D 150 18.04 6.35 28.05
CA PHE D 150 19.37 6.96 28.00
C PHE D 150 19.99 6.58 26.66
N VAL D 151 19.52 5.47 26.10
CA VAL D 151 19.99 4.98 24.80
C VAL D 151 18.78 4.52 24.01
N VAL D 152 19.03 3.97 22.82
CA VAL D 152 17.95 3.44 22.00
C VAL D 152 17.70 2.02 22.50
N ASP D 153 16.54 1.81 23.13
CA ASP D 153 16.17 0.50 23.67
C ASP D 153 15.70 -0.44 22.57
N ALA D 154 14.96 0.08 21.61
CA ALA D 154 14.45 -0.73 20.51
C ALA D 154 14.22 0.12 19.27
N ILE D 155 14.10 -0.54 18.13
CA ILE D 155 13.89 0.17 16.88
C ILE D 155 13.03 -0.65 15.92
N GLY D 156 12.30 0.06 15.05
CA GLY D 156 11.44 -0.59 14.08
C GLY D 156 11.30 0.33 12.86
N PHE D 157 10.66 -0.16 11.80
CA PHE D 157 10.52 0.66 10.60
C PHE D 157 9.18 0.62 9.89
N HIS D 158 8.82 1.73 9.27
CA HIS D 158 7.59 1.85 8.48
C HIS D 158 8.08 1.58 7.05
N LEU D 159 7.34 0.77 6.31
CA LEU D 159 7.71 0.43 4.95
C LEU D 159 6.61 0.84 3.97
N SER D 160 7.01 1.19 2.75
CA SER D 160 6.07 1.59 1.73
C SER D 160 6.64 1.44 0.33
N LEU D 161 5.77 1.26 -0.66
CA LEU D 161 6.21 1.17 -2.05
C LEU D 161 6.44 2.59 -2.53
C ACY E . 19.46 -18.66 -9.73
O ACY E . 19.80 -17.18 -9.21
OXT ACY E . 18.83 -19.57 -9.09
CH3 ACY E . 19.94 -18.94 -11.13
C1 GOL F . 21.86 -26.51 -0.16
O1 GOL F . 20.26 -26.70 -0.13
C2 GOL F . 22.63 -26.31 -1.31
O2 GOL F . 23.09 -25.04 -1.40
C3 GOL F . 22.68 -27.34 -1.94
O3 GOL F . 22.43 -28.81 -2.32
C1 MAN G . -33.78 -6.83 -11.68
C2 MAN G . -33.65 -6.82 -10.15
C3 MAN G . -33.27 -5.42 -9.66
C4 MAN G . -32.00 -4.95 -10.38
C5 MAN G . -32.22 -5.01 -11.89
C6 MAN G . -30.99 -4.61 -12.69
O1 MAN G . -34.81 -5.98 -12.07
O2 MAN G . -32.66 -7.76 -9.76
O3 MAN G . -33.04 -5.44 -8.25
O4 MAN G . -31.69 -3.62 -9.99
O5 MAN G . -32.56 -6.36 -12.29
O6 MAN G . -29.91 -5.50 -12.43
S SO4 H . -27.47 -8.86 -1.69
O1 SO4 H . -27.78 -8.78 -0.24
O2 SO4 H . -28.66 -8.47 -2.47
O3 SO4 H . -26.35 -7.95 -1.99
O4 SO4 H . -27.10 -10.25 -2.04
C1 MAN I . -6.87 32.29 -16.14
C2 MAN I . -5.72 31.47 -16.75
C3 MAN I . -6.27 30.22 -17.44
C4 MAN I . -7.16 29.43 -16.48
C5 MAN I . -8.24 30.34 -15.88
C6 MAN I . -9.10 29.64 -14.84
O1 MAN I . -7.71 32.76 -17.16
O2 MAN I . -4.81 31.09 -15.73
O3 MAN I . -5.19 29.41 -17.87
O4 MAN I . -7.78 28.36 -17.16
O5 MAN I . -7.65 31.49 -15.23
O6 MAN I . -8.33 29.26 -13.70
C ACY J . 1.89 22.76 -16.80
O ACY J . 1.78 23.92 -15.68
OXT ACY J . 1.83 21.50 -16.61
CH3 ACY J . 2.10 23.29 -18.21
C1 MAN K . 17.04 4.56 31.49
C2 MAN K . 15.54 4.21 31.51
C3 MAN K . 15.34 2.76 31.09
C4 MAN K . 15.98 2.52 29.72
C5 MAN K . 17.46 2.91 29.78
C6 MAN K . 18.14 2.78 28.43
O1 MAN K . 17.71 3.80 32.43
O2 MAN K . 14.85 5.08 30.64
O3 MAN K . 13.94 2.46 31.03
O4 MAN K . 15.85 1.15 29.36
O5 MAN K . 17.59 4.30 30.19
O6 MAN K . 17.59 3.68 27.47
C ACY L . 5.38 3.47 26.87
O ACY L . 5.15 2.00 26.25
OXT ACY L . 6.39 4.25 26.68
CH3 ACY L . 4.25 3.94 27.76
#